data_7APJ
#
_entry.id   7APJ
#
_cell.length_a   70.008
_cell.length_b   72.197
_cell.length_c   120.173
_cell.angle_alpha   90.000
_cell.angle_beta   90.000
_cell.angle_gamma   90.000
#
_symmetry.space_group_name_H-M   'P 21 21 21'
#
loop_
_entity.id
_entity.type
_entity.pdbx_description
1 polymer 'RAC-alpha serine/threonine-protein kinase,Non-specific serine/threonine protein kinase,RAC-alpha serine/threonine-protein kinase'
2 polymer NB41
3 water water
#
loop_
_entity_poly.entity_id
_entity_poly.type
_entity_poly.pdbx_seq_one_letter_code
_entity_poly.pdbx_strand_id
1 'polypeptide(L)'
;ARMNDVAIVKEGWLHKRGEYIKTWRPRYFLLKNDGTFIGYKERPQDVDQREAPLNNFSVAQCQLMKTERPRPNTFIIRCL
QWTTVIERTFHVETPEEREEWTTAIQTVADGLKKQEEEEMDASAEHTDMEVSLAKPKHRVTMNEFEYLKLLGKGTFGKVI
LVKEKATGRYYAMKILKKEVIVAKDEVAHTLTENRVLQNSRHPFLTALKYSFQTHDRLCFVMEYANGGELFFHLSRERVF
SEDRARFYGAEIVSALDYLHSEKNVVYRDLKLENLMLDKDGHIKITDFGLCKEGIKDGATMKTFCGTPEYLAPEVLEDND
YGRAVDWWGLGVVMYEMMCGRLPFYNQDHEKLFELILMEEIRFPRTLGPEAKSLLSGLLKKDPKQRLGGGSEDAKEIMQH
RFFAGIVWQHVYEKKLSPPFKPQVTSETDTRYFDEEFTAQ
;
A
2 'polypeptide(L)'
;QVQLVESGGGLVQAGGSLRLSCAASGIDVRIKTMAWYRQAPGKQRELLASVLVSGSTNYADPVKGRFTISRDNAKNTVYL
QMNKLIPDDTAVYYCNTYGRLRRDVWGPGTQVTVSSHHHHHHEPEA
;
B
#
# COMPACT_ATOMS: atom_id res chain seq x y z
N ASP A 5 -17.50 -10.04 14.22
CA ASP A 5 -17.08 -10.57 15.51
C ASP A 5 -15.69 -11.18 15.42
N VAL A 6 -14.68 -10.44 15.86
CA VAL A 6 -13.30 -10.89 15.80
C VAL A 6 -13.04 -11.83 16.98
N ALA A 7 -12.40 -12.96 16.70
CA ALA A 7 -12.09 -13.95 17.72
C ALA A 7 -10.71 -14.53 17.46
N ILE A 8 -10.07 -14.97 18.54
CA ILE A 8 -8.74 -15.58 18.45
C ILE A 8 -8.88 -17.00 17.91
N VAL A 9 -8.14 -17.31 16.85
CA VAL A 9 -8.12 -18.66 16.31
C VAL A 9 -7.01 -19.48 16.94
N LYS A 10 -5.82 -18.89 17.10
CA LYS A 10 -4.71 -19.58 17.74
C LYS A 10 -3.79 -18.52 18.35
N GLU A 11 -3.21 -18.86 19.49
CA GLU A 11 -2.20 -18.01 20.11
C GLU A 11 -1.14 -18.89 20.74
N GLY A 12 0.06 -18.35 20.87
CA GLY A 12 1.15 -19.11 21.45
C GLY A 12 2.48 -18.43 21.22
N TRP A 13 3.50 -19.02 21.82
CA TRP A 13 4.86 -18.47 21.74
C TRP A 13 5.52 -18.92 20.45
N LEU A 14 6.14 -17.97 19.75
CA LEU A 14 6.95 -18.23 18.58
C LEU A 14 8.30 -17.55 18.75
N HIS A 15 9.34 -18.13 18.14
CA HIS A 15 10.64 -17.49 18.05
C HIS A 15 10.76 -16.86 16.66
N LYS A 16 10.88 -15.54 16.62
CA LYS A 16 10.96 -14.79 15.37
C LYS A 16 12.40 -14.37 15.14
N ARG A 17 12.97 -14.76 14.00
CA ARG A 17 14.35 -14.42 13.71
C ARG A 17 14.49 -12.92 13.45
N GLY A 18 15.54 -12.34 14.02
CA GLY A 18 15.79 -10.93 13.80
C GLY A 18 16.14 -10.65 12.35
N GLU A 19 15.64 -9.52 11.85
CA GLU A 19 15.89 -9.16 10.46
C GLU A 19 17.27 -8.55 10.24
N TYR A 20 17.91 -8.05 11.28
CA TYR A 20 19.20 -7.41 11.12
C TYR A 20 20.24 -8.00 12.07
N ILE A 21 19.80 -8.40 13.26
CA ILE A 21 20.66 -8.99 14.28
C ILE A 21 20.43 -10.50 14.27
N LYS A 22 21.54 -11.25 14.29
CA LYS A 22 21.53 -12.70 14.28
C LYS A 22 21.01 -13.26 15.60
N THR A 23 19.69 -13.33 15.75
CA THR A 23 19.11 -13.75 17.01
C THR A 23 17.67 -14.22 16.76
N TRP A 24 17.14 -14.95 17.73
CA TRP A 24 15.74 -15.36 17.74
C TRP A 24 15.05 -14.71 18.93
N ARG A 25 13.97 -13.99 18.67
CA ARG A 25 13.28 -13.27 19.73
C ARG A 25 11.99 -13.98 20.08
N PRO A 26 11.80 -14.36 21.34
CA PRO A 26 10.54 -15.02 21.74
C PRO A 26 9.41 -14.00 21.84
N ARG A 27 8.30 -14.29 21.17
CA ARG A 27 7.16 -13.38 21.15
C ARG A 27 5.87 -14.20 21.24
N TYR A 28 4.86 -13.61 21.88
CA TYR A 28 3.56 -14.25 22.01
C TYR A 28 2.64 -13.67 20.94
N PHE A 29 2.26 -14.50 19.97
CA PHE A 29 1.51 -14.08 18.81
C PHE A 29 0.07 -14.54 18.89
N LEU A 30 -0.85 -13.68 18.46
CA LEU A 30 -2.27 -13.99 18.39
C LEU A 30 -2.69 -13.98 16.93
N LEU A 31 -3.30 -15.07 16.48
CA LEU A 31 -3.89 -15.18 15.16
C LEU A 31 -5.40 -15.11 15.31
N LYS A 32 -6.03 -14.14 14.66
CA LYS A 32 -7.46 -13.91 14.77
C LYS A 32 -8.13 -14.17 13.42
N ASN A 33 -9.45 -14.33 13.45
CA ASN A 33 -10.20 -14.72 12.26
C ASN A 33 -10.30 -13.61 11.22
N ASP A 34 -9.96 -12.37 11.57
CA ASP A 34 -9.91 -11.29 10.60
C ASP A 34 -8.56 -11.19 9.90
N GLY A 35 -7.66 -12.14 10.16
CA GLY A 35 -6.35 -12.16 9.55
C GLY A 35 -5.27 -11.45 10.33
N THR A 36 -5.62 -10.72 11.38
CA THR A 36 -4.61 -10.03 12.17
C THR A 36 -3.68 -11.05 12.84
N PHE A 37 -2.38 -10.79 12.74
CA PHE A 37 -1.34 -11.67 13.28
C PHE A 37 -0.44 -10.78 14.13
N ILE A 38 -0.65 -10.80 15.44
CA ILE A 38 -0.20 -9.74 16.34
C ILE A 38 0.70 -10.33 17.42
N GLY A 39 1.90 -9.76 17.56
CA GLY A 39 2.91 -10.27 18.47
C GLY A 39 3.17 -9.32 19.62
N TYR A 40 3.25 -9.86 20.83
CA TYR A 40 3.50 -9.11 22.05
C TYR A 40 4.78 -9.60 22.72
N LYS A 41 5.28 -8.80 23.66
CA LYS A 41 6.42 -9.23 24.45
C LYS A 41 6.00 -10.28 25.49
N GLU A 42 4.80 -10.15 26.03
CA GLU A 42 4.26 -11.06 27.03
C GLU A 42 2.84 -11.45 26.64
N ARG A 43 2.31 -12.49 27.27
CA ARG A 43 0.94 -12.88 27.03
C ARG A 43 0.01 -11.75 27.50
N PRO A 44 -0.96 -11.33 26.68
CA PRO A 44 -1.88 -10.27 27.12
C PRO A 44 -2.67 -10.63 28.36
N GLN A 45 -2.96 -11.91 28.59
CA GLN A 45 -3.70 -12.30 29.79
C GLN A 45 -2.82 -12.28 31.04
N ASP A 46 -1.50 -12.20 30.88
CA ASP A 46 -0.59 -12.12 32.01
C ASP A 46 -0.23 -10.68 32.39
N VAL A 47 -0.53 -9.71 31.53
CA VAL A 47 -0.21 -8.31 31.80
C VAL A 47 -1.46 -7.43 31.80
N ASP A 48 -2.64 -8.05 31.93
CA ASP A 48 -3.92 -7.34 32.04
C ASP A 48 -4.24 -6.52 30.78
N GLN A 49 -3.82 -7.02 29.61
CA GLN A 49 -4.16 -6.45 28.31
C GLN A 49 -3.70 -5.00 28.13
N ARG A 50 -2.91 -4.48 29.06
CA ARG A 50 -2.57 -3.06 29.08
C ARG A 50 -1.30 -2.72 28.31
N GLU A 51 -0.80 -3.64 27.49
CA GLU A 51 0.41 -3.41 26.73
C GLU A 51 0.13 -3.47 25.24
N ALA A 52 0.74 -2.54 24.50
CA ALA A 52 0.64 -2.46 23.06
C ALA A 52 1.48 -3.57 22.42
N PRO A 53 1.07 -4.06 21.26
CA PRO A 53 1.86 -5.08 20.57
C PRO A 53 3.15 -4.50 20.00
N LEU A 54 4.09 -5.39 19.74
CA LEU A 54 5.34 -5.04 19.07
C LEU A 54 5.26 -5.20 17.56
N ASN A 55 4.41 -6.12 17.08
CA ASN A 55 4.28 -6.40 15.65
C ASN A 55 2.82 -6.55 15.28
N ASN A 56 2.44 -5.94 14.16
CA ASN A 56 1.08 -6.02 13.61
C ASN A 56 1.17 -6.50 12.17
N PHE A 57 0.90 -7.78 11.95
CA PHE A 57 0.93 -8.39 10.62
C PHE A 57 -0.49 -8.80 10.21
N SER A 58 -0.64 -9.09 8.92
CA SER A 58 -1.89 -9.59 8.37
C SER A 58 -1.59 -10.74 7.44
N VAL A 59 -2.23 -11.89 7.65
CA VAL A 59 -1.93 -13.10 6.91
C VAL A 59 -2.84 -13.21 5.69
N ALA A 60 -3.46 -12.11 5.29
CA ALA A 60 -4.27 -12.12 4.08
C ALA A 60 -3.40 -12.35 2.86
N GLN A 61 -3.80 -13.30 2.01
CA GLN A 61 -3.05 -13.70 0.82
C GLN A 61 -1.60 -14.08 1.15
N CYS A 62 -1.39 -14.71 2.30
CA CYS A 62 -0.03 -15.05 2.70
C CYS A 62 0.47 -16.27 1.94
N GLN A 63 1.79 -16.44 1.95
CA GLN A 63 2.47 -17.63 1.45
C GLN A 63 3.26 -18.26 2.59
N LEU A 64 3.21 -19.59 2.68
CA LEU A 64 3.84 -20.33 3.77
C LEU A 64 4.79 -21.36 3.22
N MET A 65 5.95 -21.50 3.87
CA MET A 65 6.95 -22.48 3.49
C MET A 65 7.61 -23.04 4.75
N LYS A 66 7.64 -24.36 4.85
CA LYS A 66 8.31 -25.03 5.97
C LYS A 66 9.73 -25.40 5.55
N THR A 67 10.68 -25.19 6.47
CA THR A 67 12.08 -25.46 6.17
C THR A 67 12.81 -25.86 7.45
N GLU A 68 14.02 -26.42 7.26
CA GLU A 68 14.86 -26.81 8.37
C GLU A 68 16.09 -25.92 8.50
N ARG A 69 16.07 -24.74 7.89
CA ARG A 69 17.15 -23.76 7.97
C ARG A 69 16.61 -22.44 8.52
N PRO A 70 17.35 -21.78 9.42
CA PRO A 70 18.64 -22.23 9.99
C PRO A 70 18.47 -23.34 11.02
N ARG A 71 17.28 -23.46 11.58
CA ARG A 71 16.97 -24.42 12.62
C ARG A 71 15.86 -25.37 12.16
N PRO A 72 15.77 -26.56 12.75
CA PRO A 72 14.62 -27.42 12.50
C PRO A 72 13.33 -26.74 12.96
N ASN A 73 12.21 -27.20 12.39
CA ASN A 73 10.88 -26.71 12.76
C ASN A 73 10.72 -25.22 12.51
N THR A 74 11.24 -24.77 11.37
CA THR A 74 11.15 -23.38 10.96
C THR A 74 10.10 -23.24 9.86
N PHE A 75 9.35 -22.15 9.89
CA PHE A 75 8.49 -21.81 8.77
C PHE A 75 8.62 -20.34 8.42
N ILE A 76 8.50 -20.04 7.13
CA ILE A 76 8.62 -18.69 6.59
C ILE A 76 7.25 -18.27 6.09
N ILE A 77 6.85 -17.05 6.44
CA ILE A 77 5.58 -16.50 5.98
C ILE A 77 5.86 -15.19 5.23
N ARG A 78 5.29 -15.07 4.04
CA ARG A 78 5.30 -13.82 3.29
C ARG A 78 3.91 -13.22 3.40
N CYS A 79 3.75 -12.27 4.31
CA CYS A 79 2.46 -11.65 4.58
C CYS A 79 2.55 -10.14 4.41
N LEU A 80 1.63 -9.41 5.04
CA LEU A 80 1.56 -7.96 4.91
C LEU A 80 1.66 -7.30 6.28
N GLN A 81 2.21 -6.09 6.27
CA GLN A 81 2.15 -5.17 7.41
C GLN A 81 1.53 -3.89 6.87
N TRP A 82 0.24 -3.68 7.17
CA TRP A 82 -0.55 -2.59 6.62
C TRP A 82 -0.53 -2.66 5.09
N THR A 83 0.35 -1.90 4.44
CA THR A 83 0.41 -1.88 2.99
C THR A 83 1.64 -2.58 2.41
N THR A 84 2.66 -2.85 3.24
CA THR A 84 3.93 -3.39 2.76
C THR A 84 3.94 -4.91 2.90
N VAL A 85 4.39 -5.59 1.85
CA VAL A 85 4.60 -7.03 1.89
C VAL A 85 5.94 -7.30 2.54
N ILE A 86 5.96 -8.22 3.50
CA ILE A 86 7.15 -8.54 4.27
C ILE A 86 7.33 -10.05 4.30
N GLU A 87 8.50 -10.47 4.80
CA GLU A 87 8.83 -11.88 4.94
C GLU A 87 9.44 -12.09 6.31
N ARG A 88 8.84 -12.96 7.11
CA ARG A 88 9.29 -13.23 8.47
C ARG A 88 9.53 -14.72 8.65
N THR A 89 10.50 -15.04 9.50
CA THR A 89 10.91 -16.41 9.77
C THR A 89 10.65 -16.73 11.24
N PHE A 90 9.95 -17.84 11.49
CA PHE A 90 9.58 -18.26 12.82
C PHE A 90 10.11 -19.65 13.11
N HIS A 91 10.26 -19.95 14.40
CA HIS A 91 10.75 -21.24 14.87
C HIS A 91 9.91 -21.72 16.05
N VAL A 92 9.62 -23.01 16.08
CA VAL A 92 8.92 -23.65 17.19
C VAL A 92 9.69 -24.91 17.59
N GLU A 93 9.28 -25.51 18.71
CA GLU A 93 10.07 -26.56 19.33
C GLU A 93 9.84 -27.94 18.71
N THR A 94 8.69 -28.20 18.10
CA THR A 94 8.40 -29.52 17.55
C THR A 94 7.81 -29.38 16.15
N PRO A 95 7.96 -30.40 15.31
CA PRO A 95 7.31 -30.36 13.99
C PRO A 95 5.79 -30.34 14.07
N GLU A 96 5.20 -30.97 15.09
CA GLU A 96 3.75 -30.93 15.23
C GLU A 96 3.26 -29.52 15.50
N GLU A 97 3.99 -28.77 16.34
CA GLU A 97 3.60 -27.39 16.61
C GLU A 97 3.72 -26.52 15.36
N ARG A 98 4.72 -26.78 14.51
CA ARG A 98 4.83 -26.02 13.27
C ARG A 98 3.68 -26.34 12.33
N GLU A 99 3.28 -27.62 12.26
CA GLU A 99 2.16 -28.00 11.40
C GLU A 99 0.87 -27.34 11.86
N GLU A 100 0.65 -27.28 13.17
CA GLU A 100 -0.52 -26.60 13.69
C GLU A 100 -0.52 -25.13 13.29
N TRP A 101 0.62 -24.46 13.45
CA TRP A 101 0.67 -23.02 13.15
C TRP A 101 0.48 -22.77 11.66
N THR A 102 1.17 -23.52 10.79
CA THR A 102 1.04 -23.28 9.36
C THR A 102 -0.37 -23.61 8.87
N THR A 103 -0.99 -24.66 9.44
CA THR A 103 -2.35 -25.02 9.07
C THR A 103 -3.35 -23.97 9.56
N ALA A 104 -3.16 -23.48 10.79
CA ALA A 104 -4.07 -22.46 11.31
C ALA A 104 -3.97 -21.16 10.52
N ILE A 105 -2.75 -20.72 10.20
CA ILE A 105 -2.59 -19.50 9.40
C ILE A 105 -3.22 -19.68 8.03
N GLN A 106 -2.99 -20.84 7.40
CA GLN A 106 -3.54 -21.08 6.06
C GLN A 106 -5.06 -21.17 6.09
N THR A 107 -5.63 -21.72 7.17
CA THR A 107 -7.08 -21.81 7.27
C THR A 107 -7.70 -20.43 7.42
N VAL A 108 -7.09 -19.57 8.22
CA VAL A 108 -7.57 -18.20 8.35
C VAL A 108 -7.47 -17.47 7.02
N ALA A 109 -6.36 -17.68 6.30
CA ALA A 109 -6.16 -16.99 5.02
C ALA A 109 -7.19 -17.42 3.99
N ASP A 110 -7.52 -18.72 3.95
CA ASP A 110 -8.52 -19.19 2.99
C ASP A 110 -9.91 -18.67 3.35
N GLY A 111 -10.24 -18.63 4.63
CA GLY A 111 -11.50 -18.06 5.06
C GLY A 111 -11.62 -16.59 4.70
N LEU A 112 -10.50 -15.87 4.65
CA LEU A 112 -10.55 -14.46 4.30
C LEU A 112 -10.83 -14.26 2.81
N LYS A 113 -10.34 -15.16 1.96
CA LYS A 113 -10.63 -15.04 0.54
C LYS A 113 -12.12 -15.26 0.27
N LYS A 114 -12.74 -16.20 0.98
CA LYS A 114 -14.17 -16.44 0.80
C LYS A 114 -14.98 -15.26 1.32
N GLN A 115 -14.55 -14.65 2.43
CA GLN A 115 -15.21 -13.45 2.91
C GLN A 115 -15.09 -12.32 1.90
N GLU A 116 -13.91 -12.18 1.29
CA GLU A 116 -13.70 -11.14 0.29
C GLU A 116 -14.65 -11.30 -0.89
N GLU A 117 -14.73 -12.51 -1.45
CA GLU A 117 -15.58 -12.74 -2.60
C GLU A 117 -17.06 -12.66 -2.24
N GLU A 118 -17.41 -13.00 -0.99
CA GLU A 118 -18.76 -12.73 -0.51
C GLU A 118 -19.03 -11.23 -0.46
N GLU A 119 -18.02 -10.44 -0.10
CA GLU A 119 -18.21 -9.00 0.01
C GLU A 119 -18.34 -8.35 -1.36
N MET A 120 -17.60 -8.86 -2.35
CA MET A 120 -17.72 -8.32 -3.70
C MET A 120 -19.09 -8.64 -4.30
N ASP A 121 -19.64 -9.80 -3.98
CA ASP A 121 -20.98 -10.14 -4.45
C ASP A 121 -22.04 -9.22 -3.84
N ALA A 122 -21.81 -8.76 -2.60
CA ALA A 122 -22.79 -7.92 -1.92
C ALA A 122 -22.69 -6.47 -2.35
N SER A 123 -21.50 -6.01 -2.77
CA SER A 123 -21.27 -4.62 -3.12
C SER A 123 -21.26 -4.39 -4.62
N ALA A 124 -21.55 -5.41 -5.42
CA ALA A 124 -21.53 -5.24 -6.87
C ALA A 124 -22.69 -4.34 -7.30
N GLU A 125 -22.36 -3.31 -8.08
CA GLU A 125 -23.36 -2.37 -8.57
C GLU A 125 -23.84 -2.81 -9.95
N HIS A 126 -24.77 -2.03 -10.52
CA HIS A 126 -25.37 -2.41 -11.80
C HIS A 126 -24.33 -2.45 -12.90
N THR A 127 -23.37 -1.52 -12.89
CA THR A 127 -22.33 -1.52 -13.90
C THR A 127 -21.40 -2.72 -13.76
N ASP A 128 -21.23 -3.23 -12.54
CA ASP A 128 -20.40 -4.40 -12.31
C ASP A 128 -21.03 -5.69 -12.80
N MET A 129 -22.32 -5.67 -13.14
CA MET A 129 -23.02 -6.85 -13.62
C MET A 129 -23.06 -6.95 -15.14
N GLU A 130 -22.41 -6.03 -15.84
CA GLU A 130 -22.35 -6.10 -17.29
C GLU A 130 -21.58 -7.33 -17.74
N VAL A 131 -21.88 -7.79 -18.95
CA VAL A 131 -21.25 -9.00 -19.47
C VAL A 131 -19.76 -8.77 -19.74
N SER A 132 -19.39 -7.55 -20.11
CA SER A 132 -17.98 -7.22 -20.33
C SER A 132 -17.75 -5.76 -19.97
N LEU A 133 -16.47 -5.43 -19.75
CA LEU A 133 -16.09 -4.06 -19.46
C LEU A 133 -15.33 -3.45 -20.63
N VAL A 140 -0.85 6.21 -20.52
CA VAL A 140 0.47 6.62 -20.96
C VAL A 140 1.27 5.41 -21.43
N THR A 141 2.21 5.65 -22.34
CA THR A 141 3.05 4.59 -22.90
C THR A 141 4.34 5.21 -23.41
N MET A 142 5.26 4.34 -23.83
CA MET A 142 6.54 4.80 -24.37
C MET A 142 6.43 5.30 -25.80
N ASN A 143 5.25 5.24 -26.43
CA ASN A 143 5.03 5.99 -27.65
C ASN A 143 5.18 7.48 -27.39
N GLU A 144 4.92 7.92 -26.16
CA GLU A 144 5.25 9.25 -25.68
C GLU A 144 6.64 9.25 -25.05
N PHE A 145 7.11 10.45 -24.72
CA PHE A 145 8.41 10.68 -24.08
C PHE A 145 9.57 10.34 -25.02
N GLU A 146 10.64 11.13 -24.94
CA GLU A 146 11.83 10.93 -25.76
C GLU A 146 13.00 10.57 -24.86
N TYR A 147 13.75 9.54 -25.24
CA TYR A 147 14.93 9.13 -24.49
C TYR A 147 16.06 10.12 -24.71
N LEU A 148 16.73 10.50 -23.61
CA LEU A 148 17.83 11.47 -23.67
C LEU A 148 19.11 10.92 -23.08
N LYS A 149 19.19 10.73 -21.77
CA LYS A 149 20.44 10.34 -21.12
C LYS A 149 20.14 9.33 -20.02
N LEU A 150 21.17 8.98 -19.26
CA LEU A 150 21.08 8.01 -18.18
C LEU A 150 21.58 8.64 -16.89
N LEU A 151 21.00 8.23 -15.76
CA LEU A 151 21.36 8.77 -14.46
C LEU A 151 21.78 7.73 -13.44
N GLY A 152 21.14 6.56 -13.44
CA GLY A 152 21.41 5.55 -12.43
C GLY A 152 21.66 4.17 -13.04
N LYS A 153 21.96 3.22 -12.16
CA LYS A 153 22.26 1.86 -12.57
C LYS A 153 21.26 0.88 -11.94
N LYS A 158 17.65 1.64 -13.25
CA LYS A 158 18.01 2.18 -14.55
C LYS A 158 17.27 3.49 -14.84
N VAL A 159 17.73 4.56 -14.21
CA VAL A 159 17.08 5.87 -14.35
C VAL A 159 17.54 6.52 -15.64
N ILE A 160 16.58 6.97 -16.45
CA ILE A 160 16.88 7.68 -17.69
C ILE A 160 16.19 9.05 -17.64
N LEU A 161 16.70 9.96 -18.47
CA LEU A 161 16.15 11.30 -18.59
C LEU A 161 15.29 11.37 -19.85
N VAL A 162 14.05 11.83 -19.69
CA VAL A 162 13.10 11.86 -20.79
C VAL A 162 12.52 13.26 -20.96
N LYS A 163 11.94 13.49 -22.13
CA LYS A 163 11.22 14.72 -22.44
C LYS A 163 9.87 14.32 -23.01
N GLU A 164 8.79 14.76 -22.37
CA GLU A 164 7.45 14.41 -22.85
C GLU A 164 7.21 14.98 -24.24
N LYS A 165 6.85 14.10 -25.17
CA LYS A 165 6.63 14.50 -26.55
C LYS A 165 5.46 15.49 -26.67
N ALA A 166 4.41 15.27 -25.90
CA ALA A 166 3.21 16.09 -26.04
C ALA A 166 3.42 17.49 -25.47
N THR A 167 3.89 17.58 -24.23
CA THR A 167 3.97 18.87 -23.54
C THR A 167 5.36 19.51 -23.63
N GLY A 168 6.40 18.73 -23.90
CA GLY A 168 7.74 19.27 -23.94
C GLY A 168 8.35 19.49 -22.57
N ARG A 169 7.89 18.76 -21.56
CA ARG A 169 8.43 18.85 -20.22
C ARG A 169 9.39 17.71 -19.96
N TYR A 170 10.41 17.99 -19.15
CA TYR A 170 11.45 17.02 -18.83
C TYR A 170 11.09 16.24 -17.57
N TYR A 171 11.44 14.95 -17.56
CA TYR A 171 11.18 14.10 -16.42
C TYR A 171 12.28 13.05 -16.33
N ALA A 172 12.32 12.37 -15.19
CA ALA A 172 13.22 11.25 -14.97
C ALA A 172 12.39 9.98 -14.86
N MET A 173 12.56 9.07 -15.82
CA MET A 173 11.78 7.84 -15.88
C MET A 173 12.57 6.69 -15.26
N LYS A 174 12.03 6.11 -14.20
CA LYS A 174 12.64 4.94 -13.57
C LYS A 174 12.00 3.69 -14.14
N ILE A 175 12.81 2.84 -14.77
CA ILE A 175 12.34 1.63 -15.42
C ILE A 175 12.91 0.43 -14.71
N LEU A 176 12.05 -0.49 -14.29
CA LEU A 176 12.43 -1.68 -13.53
C LEU A 176 11.82 -2.92 -14.16
N LYS A 177 12.62 -3.96 -14.28
CA LYS A 177 12.11 -5.24 -14.76
C LYS A 177 11.25 -5.89 -13.69
N LYS A 178 10.15 -6.52 -14.10
CA LYS A 178 9.24 -7.18 -13.18
C LYS A 178 9.95 -8.29 -12.41
N GLU A 179 10.12 -8.08 -11.10
CA GLU A 179 10.81 -9.05 -10.25
C GLU A 179 10.19 -9.09 -8.86
N LEU A 197 3.06 6.46 -2.33
CA LEU A 197 3.34 7.90 -2.34
C LEU A 197 3.04 8.48 -3.72
N GLN A 198 1.93 8.03 -4.31
CA GLN A 198 1.56 8.46 -5.65
C GLN A 198 0.94 9.86 -5.65
N ASN A 199 -0.11 10.07 -4.86
CA ASN A 199 -0.85 11.32 -4.85
C ASN A 199 -0.32 12.31 -3.81
N SER A 200 0.96 12.27 -3.50
CA SER A 200 1.58 13.21 -2.57
C SER A 200 2.23 14.34 -3.33
N ARG A 201 1.87 15.58 -2.99
CA ARG A 201 2.44 16.76 -3.60
C ARG A 201 2.95 17.70 -2.51
N HIS A 202 4.24 18.02 -2.56
CA HIS A 202 4.86 18.90 -1.59
C HIS A 202 6.07 19.53 -2.26
N PRO A 203 6.35 20.81 -2.02
CA PRO A 203 7.49 21.46 -2.67
C PRO A 203 8.82 20.75 -2.45
N PHE A 204 8.98 20.00 -1.37
CA PHE A 204 10.25 19.35 -1.08
C PHE A 204 10.19 17.84 -1.27
N LEU A 205 9.18 17.34 -1.97
CA LEU A 205 9.07 15.93 -2.33
C LEU A 205 9.01 15.79 -3.84
N THR A 206 9.72 14.81 -4.36
CA THR A 206 9.68 14.53 -5.80
C THR A 206 8.30 13.97 -6.15
N ALA A 207 7.63 14.65 -7.08
CA ALA A 207 6.29 14.26 -7.50
C ALA A 207 6.37 13.13 -8.53
N LEU A 208 5.72 12.01 -8.22
CA LEU A 208 5.52 10.95 -9.22
C LEU A 208 4.33 11.33 -10.08
N LYS A 209 4.58 11.72 -11.32
CA LYS A 209 3.54 12.27 -12.19
C LYS A 209 2.78 11.19 -12.95
N TYR A 210 3.48 10.26 -13.58
CA TYR A 210 2.86 9.18 -14.34
C TYR A 210 3.34 7.83 -13.81
N SER A 211 2.50 6.81 -14.01
CA SER A 211 2.85 5.46 -13.61
C SER A 211 2.14 4.49 -14.56
N PHE A 212 2.91 3.78 -15.37
CA PHE A 212 2.36 2.79 -16.28
C PHE A 212 3.31 1.60 -16.32
N GLN A 213 2.87 0.53 -16.97
CA GLN A 213 3.64 -0.71 -16.98
C GLN A 213 3.49 -1.40 -18.33
N THR A 214 4.39 -2.33 -18.59
CA THR A 214 4.32 -3.25 -19.72
C THR A 214 4.18 -4.67 -19.18
N HIS A 215 4.30 -5.66 -20.07
CA HIS A 215 4.24 -7.05 -19.65
C HIS A 215 5.48 -7.45 -18.85
N ASP A 216 6.59 -6.72 -18.99
CA ASP A 216 7.83 -7.08 -18.33
C ASP A 216 8.47 -5.94 -17.54
N ARG A 217 7.93 -4.72 -17.61
CA ARG A 217 8.59 -3.58 -16.99
C ARG A 217 7.58 -2.68 -16.31
N LEU A 218 8.06 -1.97 -15.30
CA LEU A 218 7.28 -0.98 -14.56
C LEU A 218 7.93 0.39 -14.76
N CYS A 219 7.11 1.39 -15.08
CA CYS A 219 7.60 2.72 -15.43
C CYS A 219 7.10 3.76 -14.43
N PHE A 220 8.01 4.64 -14.00
CA PHE A 220 7.69 5.70 -13.05
C PHE A 220 8.22 7.01 -13.61
N VAL A 221 7.30 7.87 -14.06
CA VAL A 221 7.65 9.19 -14.56
C VAL A 221 7.55 10.18 -13.39
N MET A 222 8.69 10.66 -12.92
CA MET A 222 8.76 11.54 -11.77
C MET A 222 9.57 12.78 -12.11
N GLU A 223 9.34 13.84 -11.35
CA GLU A 223 10.03 15.10 -11.62
C GLU A 223 11.53 14.94 -11.40
N TYR A 224 12.29 15.82 -12.05
CA TYR A 224 13.74 15.68 -12.16
C TYR A 224 14.41 16.86 -11.47
N ALA A 225 15.17 16.56 -10.42
CA ALA A 225 15.95 17.55 -9.69
C ALA A 225 17.40 17.40 -10.14
N ASN A 226 17.90 18.38 -10.90
CA ASN A 226 19.22 18.28 -11.49
C ASN A 226 20.31 18.93 -10.64
N GLY A 227 19.98 19.34 -9.41
CA GLY A 227 20.97 19.97 -8.55
C GLY A 227 21.94 19.02 -7.89
N GLY A 228 21.70 17.72 -7.97
CA GLY A 228 22.63 16.74 -7.46
C GLY A 228 22.24 16.21 -6.09
N GLU A 229 22.87 15.11 -5.71
CA GLU A 229 22.66 14.51 -4.41
C GLU A 229 23.42 15.28 -3.34
N LEU A 230 22.76 15.50 -2.20
CA LEU A 230 23.44 16.11 -1.06
C LEU A 230 24.61 15.27 -0.58
N PHE A 231 24.57 13.95 -0.80
CA PHE A 231 25.68 13.10 -0.38
C PHE A 231 26.99 13.56 -1.00
N PHE A 232 26.96 13.95 -2.27
CA PHE A 232 28.19 14.38 -2.93
C PHE A 232 28.51 15.83 -2.65
N HIS A 233 27.50 16.67 -2.40
CA HIS A 233 27.77 18.05 -2.02
C HIS A 233 28.44 18.11 -0.64
N LEU A 234 27.95 17.32 0.32
CA LEU A 234 28.60 17.26 1.62
C LEU A 234 29.97 16.63 1.52
N SER A 235 30.13 15.64 0.63
CA SER A 235 31.42 15.00 0.44
C SER A 235 32.48 15.98 -0.04
N ARG A 236 32.08 16.94 -0.88
CA ARG A 236 33.03 17.91 -1.41
C ARG A 236 33.28 19.07 -0.44
N GLU A 237 32.31 19.40 0.41
CA GLU A 237 32.45 20.46 1.40
C GLU A 237 32.98 19.95 2.74
N ARG A 238 33.09 18.63 2.92
CA ARG A 238 33.51 17.98 4.15
C ARG A 238 32.46 18.16 5.25
N VAL A 239 32.08 19.40 5.53
CA VAL A 239 31.13 19.69 6.60
C VAL A 239 30.31 20.92 6.20
N PHE A 240 29.04 20.92 6.58
CA PHE A 240 28.18 22.08 6.40
C PHE A 240 28.14 22.91 7.68
N SER A 241 27.98 24.22 7.50
CA SER A 241 27.76 25.08 8.66
C SER A 241 26.41 24.77 9.30
N GLU A 242 26.23 25.26 10.53
CA GLU A 242 24.96 25.05 11.20
C GLU A 242 23.82 25.78 10.49
N ASP A 243 24.10 26.94 9.90
CA ASP A 243 23.08 27.63 9.10
C ASP A 243 22.69 26.81 7.87
N ARG A 244 23.68 26.30 7.14
CA ARG A 244 23.39 25.52 5.95
C ARG A 244 22.60 24.26 6.30
N ALA A 245 23.01 23.56 7.36
CA ALA A 245 22.27 22.41 7.84
C ALA A 245 20.88 22.80 8.34
N ARG A 246 20.75 23.98 8.95
CA ARG A 246 19.41 24.42 9.37
C ARG A 246 18.50 24.62 8.18
N PHE A 247 19.04 25.07 7.04
CA PHE A 247 18.23 25.22 5.84
C PHE A 247 17.73 23.87 5.34
N TYR A 248 18.64 22.91 5.17
CA TYR A 248 18.22 21.60 4.67
C TYR A 248 17.31 20.89 5.67
N GLY A 249 17.65 20.93 6.96
CA GLY A 249 16.81 20.30 7.95
C GLY A 249 15.40 20.86 7.98
N ALA A 250 15.27 22.18 7.88
CA ALA A 250 13.95 22.80 7.94
C ALA A 250 13.05 22.34 6.79
N GLU A 251 13.60 22.24 5.58
CA GLU A 251 12.80 21.79 4.45
C GLU A 251 12.46 20.30 4.58
N ILE A 252 13.35 19.50 5.16
CA ILE A 252 13.03 18.11 5.42
C ILE A 252 11.92 17.99 6.45
N VAL A 253 12.01 18.77 7.53
CA VAL A 253 10.96 18.75 8.55
C VAL A 253 9.62 19.14 7.93
N SER A 254 9.62 20.13 7.05
CA SER A 254 8.37 20.55 6.40
C SER A 254 7.74 19.41 5.62
N ALA A 255 8.55 18.63 4.91
CA ALA A 255 8.01 17.52 4.12
C ALA A 255 7.54 16.37 5.02
N LEU A 256 8.31 16.05 6.06
CA LEU A 256 7.92 14.99 6.98
C LEU A 256 6.63 15.34 7.73
N ASP A 257 6.44 16.63 8.04
CA ASP A 257 5.20 17.05 8.69
C ASP A 257 4.00 16.82 7.78
N TYR A 258 4.18 17.06 6.48
CA TYR A 258 3.09 16.83 5.52
C TYR A 258 2.79 15.35 5.37
N LEU A 259 3.83 14.51 5.25
CA LEU A 259 3.61 13.08 5.10
C LEU A 259 2.93 12.49 6.33
N HIS A 260 3.35 12.93 7.52
CA HIS A 260 2.78 12.37 8.76
C HIS A 260 1.35 12.84 8.98
N SER A 261 1.11 14.16 8.97
CA SER A 261 -0.19 14.70 9.35
C SER A 261 -1.23 14.68 8.23
N GLU A 262 -0.82 14.81 6.97
CA GLU A 262 -1.76 14.84 5.87
C GLU A 262 -1.95 13.49 5.20
N LYS A 263 -0.86 12.74 5.00
CA LYS A 263 -0.91 11.46 4.33
C LYS A 263 -0.87 10.27 5.27
N ASN A 264 -0.61 10.49 6.57
CA ASN A 264 -0.47 9.43 7.56
C ASN A 264 0.44 8.33 7.04
N VAL A 265 1.63 8.73 6.61
CA VAL A 265 2.61 7.85 6.00
C VAL A 265 3.96 8.09 6.69
N VAL A 266 4.68 7.00 6.97
CA VAL A 266 6.05 7.07 7.45
C VAL A 266 6.97 6.92 6.25
N TYR A 267 7.94 7.82 6.11
CA TYR A 267 8.78 7.77 4.91
C TYR A 267 9.74 6.58 4.94
N ARG A 268 10.26 6.23 6.14
CA ARG A 268 11.09 5.06 6.37
C ARG A 268 12.51 5.20 5.83
N ASP A 269 12.67 5.75 4.63
CA ASP A 269 13.93 5.70 3.91
C ASP A 269 14.66 7.05 3.89
N LEU A 270 14.54 7.83 4.96
CA LEU A 270 15.19 9.13 5.01
C LEU A 270 16.69 8.95 5.22
N LYS A 271 17.47 9.30 4.21
CA LYS A 271 18.92 9.18 4.27
C LYS A 271 19.52 10.17 3.30
N LEU A 272 20.83 10.41 3.45
CA LEU A 272 21.50 11.44 2.66
C LEU A 272 21.46 11.11 1.16
N GLU A 273 21.49 9.82 0.82
CA GLU A 273 21.46 9.42 -0.59
C GLU A 273 20.11 9.70 -1.24
N ASN A 274 19.04 9.81 -0.45
CA ASN A 274 17.72 10.12 -0.96
C ASN A 274 17.40 11.60 -0.89
N LEU A 275 18.40 12.44 -0.70
CA LEU A 275 18.23 13.88 -0.64
C LEU A 275 18.94 14.51 -1.82
N MET A 276 18.17 15.21 -2.66
CA MET A 276 18.73 15.89 -3.82
C MET A 276 18.31 17.35 -3.78
N LEU A 277 18.98 18.15 -4.60
CA LEU A 277 18.66 19.57 -4.76
C LEU A 277 18.07 19.80 -6.13
N ASP A 278 17.18 20.79 -6.22
CA ASP A 278 16.69 21.23 -7.51
C ASP A 278 17.67 22.25 -8.07
N LYS A 279 17.31 22.88 -9.20
CA LYS A 279 18.20 23.85 -9.83
C LYS A 279 18.45 25.07 -8.95
N ASP A 280 17.56 25.38 -8.02
CA ASP A 280 17.72 26.55 -7.15
C ASP A 280 18.37 26.23 -5.83
N GLY A 281 18.64 24.97 -5.53
CA GLY A 281 19.28 24.60 -4.28
C GLY A 281 18.34 24.18 -3.17
N HIS A 282 17.06 24.01 -3.45
CA HIS A 282 16.09 23.54 -2.46
C HIS A 282 16.06 22.02 -2.41
N ILE A 283 15.62 21.50 -1.26
CA ILE A 283 15.58 20.06 -1.04
C ILE A 283 14.52 19.42 -1.91
N LYS A 284 14.84 18.26 -2.47
CA LYS A 284 13.88 17.37 -3.11
C LYS A 284 14.16 15.96 -2.61
N ILE A 285 13.27 15.45 -1.76
CA ILE A 285 13.41 14.07 -1.27
C ILE A 285 13.03 13.11 -2.40
N THR A 286 13.97 12.28 -2.81
CA THR A 286 13.80 11.41 -3.98
C THR A 286 13.92 9.95 -3.56
N ASP A 287 13.63 9.06 -4.52
CA ASP A 287 13.75 7.61 -4.33
C ASP A 287 14.04 6.99 -5.70
N PHE A 288 15.29 7.10 -6.12
CA PHE A 288 15.71 6.53 -7.40
C PHE A 288 15.94 5.03 -7.28
N THR A 307 22.28 0.59 3.33
CA THR A 307 22.70 1.63 4.27
C THR A 307 22.36 1.25 5.71
N PRO A 308 23.10 0.30 6.30
CA PRO A 308 22.78 -0.12 7.66
C PRO A 308 23.06 0.94 8.71
N GLU A 309 23.86 1.96 8.39
CA GLU A 309 24.24 2.97 9.37
C GLU A 309 23.09 3.88 9.78
N TYR A 310 21.93 3.78 9.12
CA TYR A 310 20.82 4.66 9.39
C TYR A 310 19.71 4.00 10.22
N LEU A 311 19.81 2.70 10.48
CA LEU A 311 18.70 1.97 11.07
C LEU A 311 18.44 2.41 12.50
N ALA A 312 17.18 2.75 12.78
CA ALA A 312 16.79 3.17 14.12
C ALA A 312 16.87 2.00 15.10
N PRO A 313 17.12 2.29 16.38
CA PRO A 313 17.21 1.20 17.38
C PRO A 313 16.00 0.29 17.41
N GLU A 314 14.78 0.85 17.33
CA GLU A 314 13.59 0.02 17.40
C GLU A 314 13.47 -0.91 16.18
N VAL A 315 14.01 -0.50 15.03
CA VAL A 315 13.97 -1.37 13.86
C VAL A 315 14.99 -2.50 14.01
N LEU A 316 16.15 -2.20 14.58
CA LEU A 316 17.16 -3.22 14.82
C LEU A 316 16.67 -4.28 15.81
N GLU A 317 15.79 -3.89 16.73
CA GLU A 317 15.24 -4.83 17.69
C GLU A 317 13.94 -5.46 17.22
N ASP A 318 13.57 -5.25 15.95
CA ASP A 318 12.48 -5.95 15.27
C ASP A 318 11.10 -5.51 15.76
N ASN A 319 10.97 -4.26 16.17
CA ASN A 319 9.67 -3.64 16.39
C ASN A 319 9.21 -2.98 15.10
N ASP A 320 7.88 -2.84 14.96
CA ASP A 320 7.32 -2.21 13.77
C ASP A 320 7.78 -0.76 13.65
N TYR A 321 7.95 -0.30 12.40
CA TYR A 321 8.28 1.08 12.13
C TYR A 321 7.21 2.03 12.68
N GLY A 322 7.64 3.18 13.18
CA GLY A 322 6.74 4.24 13.60
C GLY A 322 7.20 5.59 13.05
N ARG A 323 6.41 6.62 13.37
CA ARG A 323 6.77 7.98 12.98
C ARG A 323 8.17 8.37 13.45
N ALA A 324 8.58 7.84 14.61
CA ALA A 324 9.84 8.26 15.21
C ALA A 324 11.05 7.80 14.40
N VAL A 325 10.91 6.79 13.53
CA VAL A 325 12.05 6.38 12.72
C VAL A 325 12.44 7.47 11.74
N ASP A 326 11.47 8.28 11.29
CA ASP A 326 11.80 9.41 10.42
C ASP A 326 12.60 10.47 11.15
N TRP A 327 12.29 10.69 12.43
CA TRP A 327 13.03 11.67 13.20
C TRP A 327 14.43 11.17 13.57
N TRP A 328 14.57 9.86 13.80
CA TRP A 328 15.90 9.28 13.91
C TRP A 328 16.72 9.53 12.66
N GLY A 329 16.13 9.26 11.49
CA GLY A 329 16.84 9.49 10.24
C GLY A 329 17.21 10.94 10.04
N LEU A 330 16.33 11.86 10.42
CA LEU A 330 16.68 13.28 10.39
C LEU A 330 17.87 13.56 11.29
N GLY A 331 17.90 12.94 12.47
CA GLY A 331 19.04 13.13 13.36
C GLY A 331 20.33 12.64 12.76
N VAL A 332 20.28 11.53 12.03
CA VAL A 332 21.50 11.00 11.41
C VAL A 332 21.99 11.91 10.30
N VAL A 333 21.09 12.37 9.43
CA VAL A 333 21.53 13.19 8.30
C VAL A 333 22.04 14.54 8.80
N MET A 334 21.38 15.13 9.81
CA MET A 334 21.84 16.41 10.32
C MET A 334 23.12 16.27 11.12
N TYR A 335 23.34 15.13 11.78
CA TYR A 335 24.63 14.87 12.39
C TYR A 335 25.73 14.81 11.33
N GLU A 336 25.46 14.09 10.23
CA GLU A 336 26.42 14.02 9.13
C GLU A 336 26.73 15.41 8.59
N MET A 337 25.70 16.22 8.36
CA MET A 337 25.90 17.54 7.77
C MET A 337 26.78 18.42 8.65
N MET A 338 26.52 18.43 9.96
CA MET A 338 27.17 19.36 10.87
C MET A 338 28.49 18.84 11.43
N CYS A 339 28.71 17.52 11.41
CA CYS A 339 29.96 16.94 11.91
C CYS A 339 30.87 16.40 10.82
N GLY A 340 30.34 16.16 9.62
CA GLY A 340 31.14 15.60 8.55
C GLY A 340 31.38 14.10 8.63
N ARG A 341 30.62 13.39 9.47
CA ARG A 341 30.77 11.94 9.63
C ARG A 341 29.53 11.41 10.32
N LEU A 342 29.41 10.08 10.31
CA LEU A 342 28.25 9.42 10.88
C LEU A 342 28.33 9.35 12.40
N PRO A 343 27.19 9.35 13.09
CA PRO A 343 27.24 9.22 14.56
C PRO A 343 27.73 7.85 15.01
N PHE A 344 27.31 6.80 14.31
CA PHE A 344 27.80 5.45 14.54
C PHE A 344 28.29 4.89 13.22
N TYR A 345 29.48 4.31 13.23
CA TYR A 345 30.01 3.67 12.04
C TYR A 345 31.03 2.62 12.43
N ASN A 346 30.97 1.49 11.73
CA ASN A 346 31.96 0.42 11.88
C ASN A 346 31.80 -0.53 10.70
N GLN A 347 32.93 -1.04 10.20
CA GLN A 347 32.87 -1.97 9.08
C GLN A 347 32.10 -3.24 9.45
N ASP A 348 32.37 -3.77 10.64
CA ASP A 348 31.63 -4.92 11.15
C ASP A 348 30.21 -4.48 11.50
N HIS A 349 29.22 -4.94 10.71
CA HIS A 349 27.84 -4.56 10.96
C HIS A 349 27.35 -5.04 12.32
N GLU A 350 27.99 -6.06 12.89
CA GLU A 350 27.68 -6.45 14.27
C GLU A 350 28.07 -5.35 15.24
N LYS A 351 29.26 -4.78 15.07
CA LYS A 351 29.67 -3.66 15.90
C LYS A 351 28.76 -2.45 15.68
N LEU A 352 28.44 -2.16 14.41
CA LEU A 352 27.64 -0.98 14.09
C LEU A 352 26.27 -1.04 14.76
N PHE A 353 25.57 -2.17 14.59
CA PHE A 353 24.26 -2.32 15.25
C PHE A 353 24.39 -2.25 16.77
N GLU A 354 25.49 -2.79 17.31
CA GLU A 354 25.67 -2.74 18.76
C GLU A 354 26.03 -1.35 19.24
N LEU A 355 26.74 -0.56 18.42
CA LEU A 355 26.95 0.84 18.77
C LEU A 355 25.64 1.61 18.78
N ILE A 356 24.81 1.41 17.75
CA ILE A 356 23.53 2.11 17.66
C ILE A 356 22.67 1.79 18.87
N LEU A 357 22.69 0.53 19.33
CA LEU A 357 21.82 0.11 20.42
C LEU A 357 22.37 0.45 21.80
N MET A 358 23.70 0.48 21.98
CA MET A 358 24.27 0.49 23.32
C MET A 358 25.16 1.68 23.64
N GLU A 359 25.76 2.35 22.66
CA GLU A 359 26.78 3.35 22.96
C GLU A 359 26.25 4.77 22.77
N GLU A 360 26.85 5.70 23.51
CA GLU A 360 26.51 7.11 23.42
C GLU A 360 27.06 7.74 22.15
N ILE A 361 26.36 8.75 21.66
CA ILE A 361 26.85 9.57 20.57
C ILE A 361 27.76 10.64 21.15
N ARG A 362 28.95 10.77 20.58
CA ARG A 362 29.88 11.83 20.95
C ARG A 362 29.74 12.98 19.96
N PHE A 363 29.67 14.20 20.47
CA PHE A 363 29.57 15.36 19.61
C PHE A 363 30.87 16.15 19.63
N PRO A 364 31.36 16.58 18.47
CA PRO A 364 32.59 17.40 18.46
C PRO A 364 32.38 18.71 19.20
N ARG A 365 33.49 19.31 19.63
CA ARG A 365 33.40 20.54 20.39
C ARG A 365 33.01 21.73 19.52
N THR A 366 33.01 21.57 18.20
CA THR A 366 32.60 22.62 17.28
C THR A 366 31.10 22.83 17.22
N LEU A 367 30.32 21.91 17.79
CA LEU A 367 28.86 21.97 17.72
C LEU A 367 28.32 22.90 18.80
N GLY A 368 27.48 23.85 18.42
CA GLY A 368 26.83 24.73 19.36
C GLY A 368 25.84 23.97 20.23
N PRO A 369 25.42 24.60 21.34
CA PRO A 369 24.53 23.89 22.27
C PRO A 369 23.15 23.60 21.70
N GLU A 370 22.62 24.51 20.87
CA GLU A 370 21.34 24.24 20.21
C GLU A 370 21.45 23.05 19.28
N ALA A 371 22.54 22.98 18.52
CA ALA A 371 22.74 21.84 17.62
C ALA A 371 22.89 20.53 18.39
N LYS A 372 23.63 20.56 19.50
CA LYS A 372 23.80 19.36 20.30
C LYS A 372 22.47 18.92 20.92
N SER A 373 21.64 19.88 21.32
CA SER A 373 20.35 19.55 21.92
C SER A 373 19.41 18.93 20.90
N LEU A 374 19.39 19.47 19.67
CA LEU A 374 18.55 18.91 18.63
C LEU A 374 18.98 17.48 18.29
N LEU A 375 20.28 17.28 18.05
CA LEU A 375 20.77 15.96 17.68
C LEU A 375 20.58 14.96 18.82
N SER A 376 20.81 15.40 20.06
CA SER A 376 20.60 14.49 21.19
C SER A 376 19.14 14.07 21.30
N GLY A 377 18.22 15.01 21.04
CA GLY A 377 16.81 14.67 21.11
C GLY A 377 16.37 13.77 19.96
N LEU A 378 16.86 14.05 18.75
CA LEU A 378 16.49 13.22 17.60
C LEU A 378 17.09 11.83 17.67
N LEU A 379 18.20 11.65 18.38
CA LEU A 379 18.91 10.37 18.40
C LEU A 379 18.74 9.65 19.74
N LYS A 380 17.71 9.98 20.50
CA LYS A 380 17.31 9.14 21.63
C LYS A 380 17.02 7.72 21.15
N LYS A 381 17.49 6.73 21.91
CA LYS A 381 17.31 5.35 21.46
C LYS A 381 15.88 4.86 21.65
N ASP A 382 15.17 5.38 22.66
CA ASP A 382 13.79 5.02 22.89
C ASP A 382 12.88 5.93 22.06
N PRO A 383 12.14 5.39 21.08
CA PRO A 383 11.30 6.28 20.25
C PRO A 383 10.27 7.07 21.03
N LYS A 384 9.84 6.57 22.19
CA LYS A 384 8.90 7.30 23.03
C LYS A 384 9.55 8.50 23.72
N GLN A 385 10.87 8.52 23.83
CA GLN A 385 11.59 9.68 24.37
C GLN A 385 12.18 10.56 23.29
N ARG A 386 12.16 10.11 22.04
CA ARG A 386 12.81 10.82 20.95
C ARG A 386 12.03 12.08 20.58
N LEU A 387 12.77 13.13 20.27
CA LEU A 387 12.15 14.38 19.82
C LEU A 387 11.30 14.11 18.58
N GLY A 388 10.03 14.50 18.64
CA GLY A 388 9.09 14.21 17.59
C GLY A 388 8.36 12.89 17.74
N GLY A 389 8.72 12.08 18.74
CA GLY A 389 8.02 10.84 18.98
C GLY A 389 6.72 10.98 19.74
N GLY A 390 6.43 12.17 20.26
CA GLY A 390 5.20 12.41 21.00
C GLY A 390 4.02 12.64 20.07
N SER A 391 2.90 13.04 20.69
CA SER A 391 1.67 13.22 19.92
C SER A 391 1.77 14.38 18.94
N GLU A 392 2.51 15.43 19.29
CA GLU A 392 2.61 16.60 18.42
C GLU A 392 3.56 16.38 17.25
N ASP A 393 4.35 15.31 17.27
CA ASP A 393 5.17 14.91 16.12
C ASP A 393 6.09 16.04 15.67
N ALA A 394 5.87 16.57 14.46
CA ALA A 394 6.82 17.51 13.87
C ALA A 394 6.86 18.84 14.62
N LYS A 395 5.77 19.21 15.29
CA LYS A 395 5.76 20.46 16.05
C LYS A 395 6.81 20.47 17.16
N GLU A 396 7.20 19.30 17.67
CA GLU A 396 8.27 19.27 18.67
C GLU A 396 9.59 19.73 18.08
N ILE A 397 9.89 19.32 16.85
CA ILE A 397 11.13 19.77 16.21
C ILE A 397 10.99 21.24 15.79
N MET A 398 9.84 21.61 15.25
CA MET A 398 9.64 22.98 14.77
C MET A 398 9.79 24.00 15.88
N GLN A 399 9.44 23.65 17.11
CA GLN A 399 9.54 24.56 18.25
C GLN A 399 10.87 24.46 18.97
N HIS A 400 11.79 23.62 18.50
CA HIS A 400 13.09 23.50 19.17
C HIS A 400 13.92 24.75 18.93
N ARG A 401 14.76 25.08 19.92
CA ARG A 401 15.55 26.31 19.87
C ARG A 401 16.44 26.38 18.63
N PHE A 402 16.84 25.22 18.09
CA PHE A 402 17.68 25.23 16.89
C PHE A 402 17.00 25.94 15.73
N PHE A 403 15.67 25.90 15.67
CA PHE A 403 14.91 26.54 14.60
C PHE A 403 14.22 27.83 15.07
N ALA A 404 14.72 28.45 16.13
CA ALA A 404 14.09 29.66 16.65
C ALA A 404 14.12 30.76 15.60
N GLY A 405 13.04 31.55 15.56
CA GLY A 405 12.91 32.62 14.59
C GLY A 405 12.45 32.20 13.21
N ILE A 406 12.33 30.91 12.94
CA ILE A 406 11.94 30.41 11.63
C ILE A 406 10.42 30.38 11.56
N VAL A 407 9.85 31.05 10.56
CA VAL A 407 8.42 31.02 10.29
C VAL A 407 8.16 29.85 9.35
N TRP A 408 7.50 28.81 9.87
CA TRP A 408 7.41 27.55 9.13
C TRP A 408 6.52 27.64 7.89
N GLN A 409 5.59 28.60 7.85
CA GLN A 409 4.88 28.85 6.60
C GLN A 409 5.81 29.39 5.52
N HIS A 410 6.81 30.18 5.92
CA HIS A 410 7.80 30.69 4.97
C HIS A 410 8.65 29.56 4.41
N VAL A 411 8.95 28.55 5.22
CA VAL A 411 9.71 27.39 4.72
C VAL A 411 8.94 26.69 3.62
N TYR A 412 7.65 26.43 3.86
CA TYR A 412 6.80 25.79 2.86
C TYR A 412 6.79 26.61 1.56
N GLU A 413 6.76 27.93 1.68
CA GLU A 413 6.70 28.82 0.53
C GLU A 413 8.06 29.07 -0.11
N LYS A 414 9.08 28.30 0.29
CA LYS A 414 10.42 28.37 -0.33
C LYS A 414 11.06 29.74 -0.13
N LYS A 415 10.80 30.37 1.01
CA LYS A 415 11.34 31.70 1.29
C LYS A 415 12.69 31.66 2.01
N LEU A 416 13.19 30.48 2.36
CA LEU A 416 14.54 30.39 2.91
C LEU A 416 15.56 30.55 1.80
N SER A 417 16.72 31.12 2.16
CA SER A 417 17.77 31.40 1.20
C SER A 417 18.64 30.17 1.02
N PRO A 418 18.62 29.52 -0.15
CA PRO A 418 19.48 28.36 -0.37
C PRO A 418 20.95 28.74 -0.21
N PRO A 419 21.67 28.06 0.69
CA PRO A 419 23.09 28.42 0.89
C PRO A 419 23.98 28.05 -0.27
N PHE A 420 23.56 27.12 -1.14
CA PHE A 420 24.35 26.74 -2.30
C PHE A 420 23.45 26.64 -3.51
N LYS A 421 23.84 27.30 -4.59
CA LYS A 421 23.09 27.28 -5.84
C LYS A 421 23.81 26.39 -6.84
N PRO A 422 23.21 25.28 -7.27
CA PRO A 422 23.86 24.44 -8.28
C PRO A 422 24.10 25.20 -9.57
N GLN A 423 25.27 24.96 -10.16
CA GLN A 423 25.67 25.65 -11.40
C GLN A 423 25.19 24.92 -12.64
N VAL A 424 23.99 24.32 -12.60
CA VAL A 424 23.48 23.61 -13.77
C VAL A 424 23.11 24.61 -14.85
N THR A 425 23.61 24.39 -16.06
CA THR A 425 23.31 25.30 -17.16
C THR A 425 21.88 25.11 -17.66
N SER A 426 21.44 23.86 -17.79
CA SER A 426 20.11 23.55 -18.28
C SER A 426 19.54 22.40 -17.46
N GLU A 427 18.29 22.03 -17.77
CA GLU A 427 17.65 20.89 -17.15
C GLU A 427 18.14 19.56 -17.71
N THR A 428 19.01 19.60 -18.72
CA THR A 428 19.68 18.41 -19.23
C THR A 428 21.11 18.28 -18.71
N ASP A 429 21.56 19.23 -17.90
CA ASP A 429 22.92 19.21 -17.36
C ASP A 429 23.02 18.14 -16.28
N THR A 430 23.74 17.06 -16.57
CA THR A 430 23.91 15.95 -15.65
C THR A 430 25.28 15.95 -14.99
N ARG A 431 25.85 17.14 -14.76
CA ARG A 431 27.16 17.23 -14.13
C ARG A 431 27.15 16.70 -12.70
N TYR A 432 25.98 16.64 -12.05
CA TYR A 432 25.88 16.26 -10.65
C TYR A 432 25.40 14.83 -10.45
N PHE A 433 25.74 13.92 -11.36
CA PHE A 433 25.30 12.53 -11.28
C PHE A 433 26.51 11.61 -11.47
N ASP A 434 26.93 10.97 -10.38
CA ASP A 434 28.05 10.03 -10.42
C ASP A 434 27.54 8.59 -10.41
N GLN B 3 -25.54 -22.90 -6.85
CA GLN B 3 -26.37 -23.39 -7.94
C GLN B 3 -27.60 -22.51 -8.16
N LEU B 4 -27.81 -22.10 -9.42
CA LEU B 4 -28.94 -21.27 -9.81
C LEU B 4 -29.74 -22.01 -10.88
N VAL B 5 -31.05 -22.05 -10.71
CA VAL B 5 -31.96 -22.78 -11.60
C VAL B 5 -32.98 -21.81 -12.14
N GLU B 6 -32.91 -21.51 -13.43
CA GLU B 6 -33.91 -20.69 -14.10
C GLU B 6 -35.08 -21.56 -14.54
N SER B 7 -36.27 -20.98 -14.48
CA SER B 7 -37.48 -21.67 -14.91
C SER B 7 -38.56 -20.63 -15.18
N GLY B 8 -39.68 -21.10 -15.73
CA GLY B 8 -40.81 -20.25 -16.01
C GLY B 8 -40.95 -19.83 -17.46
N GLY B 9 -40.06 -20.29 -18.35
CA GLY B 9 -40.13 -19.93 -19.74
C GLY B 9 -41.01 -20.86 -20.54
N GLY B 10 -41.24 -20.47 -21.79
CA GLY B 10 -42.05 -21.27 -22.69
C GLY B 10 -42.47 -20.44 -23.88
N LEU B 11 -43.52 -20.92 -24.56
CA LEU B 11 -44.07 -20.26 -25.72
C LEU B 11 -45.25 -19.37 -25.30
N VAL B 12 -45.18 -18.09 -25.66
CA VAL B 12 -46.26 -17.14 -25.37
C VAL B 12 -46.46 -16.26 -26.59
N GLN B 13 -47.65 -15.65 -26.66
CA GLN B 13 -48.03 -14.82 -27.79
C GLN B 13 -47.61 -13.37 -27.54
N ALA B 14 -47.38 -12.66 -28.64
CA ALA B 14 -47.06 -11.23 -28.55
C ALA B 14 -48.15 -10.50 -27.79
N GLY B 15 -47.73 -9.60 -26.89
CA GLY B 15 -48.64 -8.94 -26.00
C GLY B 15 -48.95 -9.68 -24.72
N GLY B 16 -48.50 -10.93 -24.60
CA GLY B 16 -48.70 -11.70 -23.40
C GLY B 16 -47.68 -11.34 -22.33
N SER B 17 -47.61 -12.18 -21.30
CA SER B 17 -46.69 -11.95 -20.20
C SER B 17 -46.16 -13.27 -19.68
N LEU B 18 -45.08 -13.19 -18.90
CA LEU B 18 -44.41 -14.33 -18.31
C LEU B 18 -43.71 -13.88 -17.04
N ARG B 19 -43.46 -14.82 -16.14
CA ARG B 19 -42.65 -14.57 -14.95
C ARG B 19 -41.60 -15.67 -14.83
N LEU B 20 -40.33 -15.28 -14.95
CA LEU B 20 -39.24 -16.23 -14.76
C LEU B 20 -38.82 -16.25 -13.30
N SER B 21 -38.27 -17.37 -12.88
CA SER B 21 -37.82 -17.57 -11.50
C SER B 21 -36.39 -18.07 -11.50
N CYS B 22 -35.60 -17.58 -10.55
CA CYS B 22 -34.20 -17.96 -10.38
C CYS B 22 -34.06 -18.53 -8.97
N ALA B 23 -34.23 -19.84 -8.86
CA ALA B 23 -34.16 -20.52 -7.57
C ALA B 23 -32.72 -20.86 -7.22
N ALA B 24 -32.28 -20.45 -6.05
CA ALA B 24 -30.90 -20.64 -5.61
C ALA B 24 -30.83 -21.71 -4.53
N SER B 25 -29.77 -22.51 -4.58
CA SER B 25 -29.50 -23.53 -3.57
C SER B 25 -28.00 -23.59 -3.34
N GLY B 26 -27.58 -23.42 -2.10
CA GLY B 26 -26.18 -23.37 -1.74
C GLY B 26 -25.62 -21.97 -1.61
N ILE B 27 -26.21 -20.99 -2.30
CA ILE B 27 -25.79 -19.61 -2.19
C ILE B 27 -26.99 -18.77 -1.79
N ASP B 28 -26.71 -17.59 -1.23
CA ASP B 28 -27.72 -16.76 -0.60
C ASP B 28 -27.93 -15.50 -1.44
N VAL B 29 -29.01 -15.47 -2.22
CA VAL B 29 -29.29 -14.29 -3.03
C VAL B 29 -29.68 -13.09 -2.18
N ARG B 30 -30.05 -13.32 -0.91
CA ARG B 30 -30.47 -12.21 -0.06
C ARG B 30 -29.32 -11.24 0.21
N ILE B 31 -28.08 -11.73 0.14
CA ILE B 31 -26.91 -10.91 0.44
C ILE B 31 -26.03 -10.77 -0.81
N LYS B 32 -26.64 -10.89 -1.99
CA LYS B 32 -25.89 -10.80 -3.24
C LYS B 32 -26.67 -9.96 -4.25
N THR B 33 -25.95 -9.12 -4.98
CA THR B 33 -26.53 -8.43 -6.13
C THR B 33 -26.89 -9.45 -7.19
N MET B 34 -28.16 -9.47 -7.59
CA MET B 34 -28.67 -10.45 -8.55
C MET B 34 -29.10 -9.74 -9.83
N ALA B 35 -28.85 -10.38 -10.97
CA ALA B 35 -29.14 -9.79 -12.26
C ALA B 35 -29.71 -10.83 -13.22
N TRP B 36 -30.47 -10.34 -14.20
CA TRP B 36 -31.03 -11.16 -15.26
C TRP B 36 -30.38 -10.81 -16.59
N TYR B 37 -30.21 -11.83 -17.44
CA TYR B 37 -29.56 -11.68 -18.73
C TYR B 37 -30.39 -12.43 -19.78
N ARG B 38 -30.11 -12.16 -21.05
CA ARG B 38 -30.69 -12.94 -22.12
C ARG B 38 -29.69 -13.03 -23.28
N GLN B 39 -29.77 -14.13 -24.01
CA GLN B 39 -28.88 -14.39 -25.15
C GLN B 39 -29.74 -14.72 -26.36
N ALA B 40 -29.72 -13.86 -27.37
CA ALA B 40 -30.51 -14.06 -28.57
C ALA B 40 -29.84 -15.10 -29.48
N PRO B 41 -30.60 -15.66 -30.45
CA PRO B 41 -30.03 -16.66 -31.36
C PRO B 41 -28.65 -16.32 -31.92
N GLY B 42 -28.46 -15.09 -32.38
CA GLY B 42 -27.19 -14.72 -32.98
C GLY B 42 -26.64 -13.40 -32.50
N LYS B 43 -26.97 -13.00 -31.28
CA LYS B 43 -26.52 -11.75 -30.71
C LYS B 43 -25.68 -12.01 -29.46
N GLN B 44 -25.02 -10.95 -29.00
CA GLN B 44 -24.18 -11.02 -27.81
C GLN B 44 -25.06 -11.04 -26.57
N ARG B 45 -24.68 -11.89 -25.61
CA ARG B 45 -25.40 -11.94 -24.33
C ARG B 45 -25.38 -10.58 -23.66
N GLU B 46 -26.54 -10.15 -23.17
CA GLU B 46 -26.73 -8.79 -22.67
C GLU B 46 -27.35 -8.78 -21.29
N LEU B 47 -26.98 -7.78 -20.50
CA LEU B 47 -27.62 -7.55 -19.20
C LEU B 47 -28.95 -6.85 -19.40
N LEU B 48 -29.94 -7.22 -18.58
CA LEU B 48 -31.29 -6.68 -18.69
C LEU B 48 -31.72 -5.93 -17.44
N ALA B 49 -31.48 -6.49 -16.26
CA ALA B 49 -31.94 -5.88 -15.02
C ALA B 49 -31.12 -6.44 -13.87
N SER B 50 -30.97 -5.63 -12.82
CA SER B 50 -30.26 -6.04 -11.62
C SER B 50 -30.96 -5.50 -10.40
N VAL B 51 -30.83 -6.21 -9.28
CA VAL B 51 -31.41 -5.79 -8.02
C VAL B 51 -30.32 -5.86 -6.95
N LEU B 52 -30.11 -4.75 -6.25
CA LEU B 52 -29.08 -4.69 -5.22
C LEU B 52 -29.60 -5.33 -3.92
N VAL B 53 -28.69 -5.47 -2.96
CA VAL B 53 -29.04 -6.04 -1.66
C VAL B 53 -30.08 -5.17 -0.95
N SER B 54 -30.03 -3.86 -1.17
CA SER B 54 -31.00 -2.95 -0.57
C SER B 54 -32.38 -3.07 -1.21
N GLY B 55 -32.46 -3.60 -2.42
CA GLY B 55 -33.71 -3.67 -3.16
C GLY B 55 -33.79 -2.70 -4.32
N SER B 56 -32.81 -1.81 -4.46
CA SER B 56 -32.81 -0.89 -5.61
C SER B 56 -32.59 -1.66 -6.90
N THR B 57 -33.35 -1.30 -7.92
CA THR B 57 -33.32 -1.97 -9.21
C THR B 57 -32.87 -1.01 -10.30
N ASN B 58 -32.19 -1.56 -11.31
CA ASN B 58 -31.77 -0.82 -12.49
C ASN B 58 -32.08 -1.67 -13.73
N TYR B 59 -32.52 -1.02 -14.81
CA TYR B 59 -32.97 -1.72 -16.01
C TYR B 59 -32.27 -1.19 -17.24
N ALA B 60 -32.06 -2.07 -18.21
CA ALA B 60 -31.50 -1.68 -19.50
C ALA B 60 -32.57 -1.04 -20.37
N ASP B 61 -32.12 -0.42 -21.46
CA ASP B 61 -33.02 0.31 -22.35
C ASP B 61 -34.13 -0.56 -22.95
N PRO B 62 -33.85 -1.71 -23.56
CA PRO B 62 -34.91 -2.43 -24.28
C PRO B 62 -36.01 -3.00 -23.39
N VAL B 63 -35.85 -2.98 -22.06
CA VAL B 63 -36.82 -3.60 -21.17
C VAL B 63 -37.45 -2.62 -20.20
N LYS B 64 -37.06 -1.34 -20.25
CA LYS B 64 -37.65 -0.36 -19.34
C LYS B 64 -39.15 -0.23 -19.56
N GLY B 65 -39.90 -0.22 -18.45
CA GLY B 65 -41.34 -0.12 -18.51
C GLY B 65 -42.05 -1.40 -18.90
N ARG B 66 -41.32 -2.47 -19.21
CA ARG B 66 -41.91 -3.75 -19.57
C ARG B 66 -41.55 -4.88 -18.63
N PHE B 67 -40.30 -4.92 -18.14
CA PHE B 67 -39.84 -5.98 -17.26
C PHE B 67 -39.61 -5.43 -15.86
N THR B 68 -39.78 -6.30 -14.85
CA THR B 68 -39.61 -5.91 -13.46
C THR B 68 -38.86 -7.02 -12.73
N ILE B 69 -37.73 -6.66 -12.12
CA ILE B 69 -36.94 -7.61 -11.34
C ILE B 69 -37.26 -7.43 -9.86
N SER B 70 -37.41 -8.55 -9.16
CA SER B 70 -37.73 -8.54 -7.74
C SER B 70 -37.07 -9.73 -7.07
N ARG B 71 -36.91 -9.63 -5.76
CA ARG B 71 -36.32 -10.67 -4.94
C ARG B 71 -37.33 -11.16 -3.91
N ASP B 72 -37.38 -12.47 -3.72
CA ASP B 72 -38.19 -13.10 -2.68
C ASP B 72 -37.23 -13.69 -1.66
N ASN B 73 -37.03 -12.97 -0.55
CA ASN B 73 -36.08 -13.42 0.46
C ASN B 73 -36.53 -14.72 1.12
N ALA B 74 -37.84 -14.90 1.29
CA ALA B 74 -38.35 -16.10 1.94
C ALA B 74 -38.10 -17.34 1.10
N LYS B 75 -38.15 -17.22 -0.23
CA LYS B 75 -37.96 -18.35 -1.13
C LYS B 75 -36.52 -18.46 -1.65
N ASN B 76 -35.65 -17.50 -1.31
CA ASN B 76 -34.29 -17.46 -1.84
C ASN B 76 -34.31 -17.51 -3.37
N THR B 77 -35.19 -16.68 -3.95
CA THR B 77 -35.46 -16.71 -5.37
C THR B 77 -35.61 -15.28 -5.89
N VAL B 78 -35.14 -15.05 -7.11
CA VAL B 78 -35.22 -13.76 -7.78
C VAL B 78 -36.11 -13.92 -9.01
N TYR B 79 -37.09 -13.04 -9.16
CA TYR B 79 -38.07 -13.14 -10.23
C TYR B 79 -37.81 -12.08 -11.30
N LEU B 80 -38.27 -12.39 -12.51
CA LEU B 80 -38.27 -11.44 -13.63
C LEU B 80 -39.66 -11.44 -14.23
N GLN B 81 -40.45 -10.41 -13.91
CA GLN B 81 -41.78 -10.27 -14.49
C GLN B 81 -41.65 -9.64 -15.88
N MET B 82 -42.11 -10.35 -16.90
CA MET B 82 -41.95 -9.93 -18.29
C MET B 82 -43.32 -9.59 -18.87
N ASN B 83 -43.62 -8.30 -18.97
CA ASN B 83 -44.86 -7.83 -19.57
C ASN B 83 -44.59 -7.19 -20.92
N LYS B 84 -45.67 -6.99 -21.68
CA LYS B 84 -45.63 -6.32 -22.98
C LYS B 84 -44.67 -7.03 -23.94
N LEU B 85 -44.70 -8.36 -23.93
CA LEU B 85 -43.76 -9.16 -24.70
C LEU B 85 -43.94 -8.96 -26.20
N ILE B 86 -42.84 -8.93 -26.92
CA ILE B 86 -42.85 -8.85 -28.39
C ILE B 86 -41.93 -9.95 -28.93
N PRO B 87 -42.09 -10.30 -30.21
CA PRO B 87 -41.23 -11.36 -30.78
C PRO B 87 -39.74 -11.12 -30.62
N ASP B 88 -39.27 -9.87 -30.60
CA ASP B 88 -37.86 -9.61 -30.42
C ASP B 88 -37.35 -9.98 -29.02
N ASP B 89 -38.25 -10.32 -28.10
CA ASP B 89 -37.83 -10.79 -26.78
C ASP B 89 -37.47 -12.27 -26.78
N THR B 90 -37.51 -12.95 -27.93
CA THR B 90 -37.20 -14.37 -28.00
C THR B 90 -35.72 -14.59 -27.74
N ALA B 91 -35.42 -15.34 -26.68
CA ALA B 91 -34.05 -15.62 -26.26
C ALA B 91 -34.10 -16.62 -25.11
N VAL B 92 -32.93 -17.14 -24.76
CA VAL B 92 -32.75 -17.90 -23.53
C VAL B 92 -32.27 -16.95 -22.45
N TYR B 93 -32.96 -16.94 -21.32
CA TYR B 93 -32.72 -15.97 -20.25
C TYR B 93 -31.94 -16.61 -19.12
N TYR B 94 -31.01 -15.85 -18.54
CA TYR B 94 -30.12 -16.37 -17.51
C TYR B 94 -30.09 -15.44 -16.31
N CYS B 95 -29.71 -16.02 -15.17
CA CYS B 95 -29.65 -15.32 -13.89
C CYS B 95 -28.31 -15.64 -13.24
N ASN B 96 -27.71 -14.66 -12.58
CA ASN B 96 -26.36 -14.85 -12.08
C ASN B 96 -26.01 -13.85 -11.00
N THR B 97 -24.99 -14.20 -10.22
CA THR B 97 -24.33 -13.31 -9.27
C THR B 97 -23.10 -12.68 -9.92
N TYR B 98 -22.44 -11.79 -9.18
CA TYR B 98 -21.24 -11.15 -9.70
C TYR B 98 -20.08 -12.14 -9.80
N GLY B 99 -19.86 -12.91 -8.74
CA GLY B 99 -18.76 -13.87 -8.74
C GLY B 99 -18.87 -14.90 -9.83
N ARG B 100 -20.08 -15.45 -10.02
CA ARG B 100 -20.27 -16.43 -11.09
C ARG B 100 -20.17 -15.78 -12.46
N LEU B 101 -20.49 -14.49 -12.57
CA LEU B 101 -20.38 -13.79 -13.85
C LEU B 101 -18.94 -13.73 -14.33
N ARG B 102 -18.02 -13.33 -13.45
CA ARG B 102 -16.62 -13.20 -13.84
C ARG B 102 -15.95 -14.56 -14.02
N ARG B 103 -16.49 -15.62 -13.42
CA ARG B 103 -16.00 -16.97 -13.61
C ARG B 103 -16.71 -17.71 -14.74
N ASP B 104 -17.64 -17.05 -15.44
CA ASP B 104 -18.38 -17.65 -16.55
C ASP B 104 -19.11 -18.92 -16.11
N VAL B 105 -19.63 -18.90 -14.89
CA VAL B 105 -20.43 -19.99 -14.35
C VAL B 105 -21.90 -19.62 -14.56
N TRP B 106 -22.59 -20.36 -15.42
CA TRP B 106 -23.96 -20.07 -15.77
C TRP B 106 -24.82 -21.32 -15.59
N GLY B 107 -26.07 -21.11 -15.19
CA GLY B 107 -27.04 -22.17 -15.11
C GLY B 107 -27.50 -22.59 -16.49
N PRO B 108 -28.52 -23.45 -16.56
CA PRO B 108 -29.01 -23.92 -17.86
C PRO B 108 -29.83 -22.87 -18.60
N GLY B 109 -30.44 -21.95 -17.85
CA GLY B 109 -31.32 -20.95 -18.41
C GLY B 109 -32.66 -21.52 -18.80
N THR B 110 -33.58 -20.62 -19.14
CA THR B 110 -34.93 -21.01 -19.54
C THR B 110 -35.28 -20.33 -20.86
N GLN B 111 -35.82 -21.12 -21.79
CA GLN B 111 -36.12 -20.61 -23.13
C GLN B 111 -37.42 -19.82 -23.11
N VAL B 112 -37.41 -18.66 -23.74
CA VAL B 112 -38.60 -17.83 -23.92
C VAL B 112 -38.80 -17.61 -25.41
N THR B 113 -39.94 -18.04 -25.93
CA THR B 113 -40.31 -17.87 -27.32
C THR B 113 -41.59 -17.06 -27.40
N VAL B 114 -41.51 -15.86 -27.99
CA VAL B 114 -42.66 -15.00 -28.19
C VAL B 114 -43.02 -15.05 -29.67
N SER B 115 -44.21 -15.56 -29.97
CA SER B 115 -44.65 -15.77 -31.35
C SER B 115 -45.69 -14.73 -31.73
N SER B 116 -45.69 -14.36 -33.01
CA SER B 116 -46.69 -13.42 -33.50
C SER B 116 -48.07 -14.04 -33.60
N HIS B 117 -48.16 -15.37 -33.68
CA HIS B 117 -49.45 -16.05 -33.88
C HIS B 117 -49.26 -17.54 -33.66
N HIS B 118 -50.38 -18.24 -33.46
CA HIS B 118 -50.36 -19.69 -33.40
C HIS B 118 -50.23 -20.25 -34.81
N HIS B 119 -49.31 -21.19 -34.99
CA HIS B 119 -49.12 -21.80 -36.30
C HIS B 119 -49.99 -23.03 -36.46
#